data_5HDJ
#
_entry.id   5HDJ
#
_cell.length_a   56.390
_cell.length_b   86.870
_cell.length_c   92.530
_cell.angle_alpha   90.00
_cell.angle_beta   90.00
_cell.angle_gamma   90.00
#
_symmetry.space_group_name_H-M   'P 21 21 21'
#
loop_
_entity.id
_entity.type
_entity.pdbx_description
1 polymer NfrA1
2 non-polymer 'FLAVIN MONONUCLEOTIDE'
3 non-polymer 1,2-ETHANEDIOL
4 water water
#
_entity_poly.entity_id   1
_entity_poly.type   'polypeptide(L)'
_entity_poly.pdbx_seq_one_letter_code
;MNSVIETILNHRSIRKYEDKPLSEEQIQTIVESAQAASTSSYIQAYSIIGVKDKETKRKLAQLAGNQPYVETNGHFFVFC
ADFHRHDVIAEMEKKDLSTALESTEQFMVAIIDVALAAQNATLAAESMGLGACYIGGLRNELEEVSKLLKLPHHVIPLFG
LTVGHPAGITDKKPRLPFKHVYHEETYEPNDEQTKKELTAYNEEISAYYNERTNGKRQDTWTGQMAEMLSNPKRMYMKEF
VEKQGFNKKKGHHHHHH
;
_entity_poly.pdbx_strand_id   A,B
#
# COMPACT_ATOMS: atom_id res chain seq x y z
N ASN A 2 6.09 19.34 -11.92
CA ASN A 2 7.24 18.56 -12.36
C ASN A 2 6.85 17.22 -12.99
N SER A 3 7.84 16.49 -13.54
CA SER A 3 7.66 15.21 -14.25
C SER A 3 7.19 14.04 -13.40
N VAL A 4 7.63 13.93 -12.12
CA VAL A 4 7.12 12.88 -11.23
C VAL A 4 5.60 13.10 -11.01
N ILE A 5 5.20 14.33 -10.64
CA ILE A 5 3.80 14.69 -10.40
C ILE A 5 2.96 14.53 -11.68
N GLU A 6 3.48 15.00 -12.83
CA GLU A 6 2.80 14.85 -14.12
C GLU A 6 2.53 13.36 -14.43
N THR A 7 3.51 12.48 -14.18
CA THR A 7 3.35 11.05 -14.40
C THR A 7 2.33 10.43 -13.41
N ILE A 8 2.42 10.79 -12.10
CA ILE A 8 1.45 10.33 -11.09
C ILE A 8 0.02 10.68 -11.54
N LEU A 9 -0.20 11.95 -11.92
CA LEU A 9 -1.53 12.47 -12.31
C LEU A 9 -2.05 11.95 -13.65
N ASN A 10 -1.15 11.41 -14.49
CA ASN A 10 -1.52 10.88 -15.81
C ASN A 10 -2.13 9.47 -15.71
N HIS A 11 -1.98 8.80 -14.54
CA HIS A 11 -2.44 7.43 -14.37
C HIS A 11 -3.89 7.11 -14.76
N ARG A 12 -4.04 5.97 -15.44
CA ARG A 12 -5.29 5.29 -15.76
C ARG A 12 -4.94 3.82 -15.91
N SER A 13 -5.80 2.95 -15.42
CA SER A 13 -5.61 1.51 -15.54
C SER A 13 -5.73 1.09 -17.01
N ILE A 14 -4.77 0.30 -17.51
CA ILE A 14 -4.77 -0.16 -18.90
C ILE A 14 -5.14 -1.64 -18.97
N ARG A 15 -6.14 -1.98 -19.76
CA ARG A 15 -6.63 -3.35 -19.82
C ARG A 15 -6.54 -3.99 -21.24
N LYS A 16 -5.75 -3.36 -22.13
CA LYS A 16 -5.56 -3.84 -23.48
C LYS A 16 -4.12 -3.59 -23.87
N TYR A 17 -3.37 -4.69 -24.10
CA TYR A 17 -1.93 -4.63 -24.38
C TYR A 17 -1.54 -5.37 -25.62
N GLU A 18 -0.34 -5.04 -26.12
CA GLU A 18 0.32 -5.75 -27.19
C GLU A 18 0.86 -7.05 -26.58
N ASP A 19 0.86 -8.13 -27.38
CA ASP A 19 1.40 -9.43 -26.96
C ASP A 19 2.88 -9.39 -27.32
N LYS A 20 3.63 -8.49 -26.63
CA LYS A 20 5.05 -8.21 -26.86
C LYS A 20 5.74 -8.17 -25.50
N PRO A 21 6.65 -9.13 -25.23
CA PRO A 21 7.30 -9.17 -23.89
C PRO A 21 8.23 -8.02 -23.60
N LEU A 22 8.31 -7.66 -22.32
CA LEU A 22 9.23 -6.64 -21.84
C LEU A 22 10.63 -7.24 -21.87
N SER A 23 11.66 -6.38 -21.85
CA SER A 23 13.04 -6.83 -21.78
C SER A 23 13.34 -7.20 -20.33
N GLU A 24 14.38 -8.03 -20.09
CA GLU A 24 14.78 -8.38 -18.72
C GLU A 24 15.17 -7.13 -17.92
N GLU A 25 15.80 -6.17 -18.60
CA GLU A 25 16.24 -4.88 -18.04
C GLU A 25 15.02 -4.04 -17.55
N GLN A 26 13.93 -4.01 -18.33
CA GLN A 26 12.72 -3.30 -17.93
C GLN A 26 12.09 -4.00 -16.72
N ILE A 27 12.06 -5.35 -16.69
CA ILE A 27 11.50 -6.13 -15.57
C ILE A 27 12.32 -5.84 -14.31
N GLN A 28 13.66 -5.92 -14.40
CA GLN A 28 14.53 -5.65 -13.26
C GLN A 28 14.33 -4.23 -12.72
N THR A 29 14.28 -3.22 -13.62
CA THR A 29 14.08 -1.80 -13.27
C THR A 29 12.79 -1.60 -12.45
N ILE A 30 11.67 -2.22 -12.90
CA ILE A 30 10.37 -2.17 -12.22
C ILE A 30 10.49 -2.76 -10.79
N VAL A 31 11.17 -3.92 -10.66
CA VAL A 31 11.37 -4.59 -9.36
C VAL A 31 12.27 -3.77 -8.45
N GLU A 32 13.38 -3.26 -8.99
CA GLU A 32 14.30 -2.44 -8.16
C GLU A 32 13.62 -1.14 -7.67
N SER A 33 12.70 -0.59 -8.50
CA SER A 33 11.90 0.58 -8.14
C SER A 33 10.91 0.24 -7.01
N ALA A 34 10.27 -0.95 -7.09
CA ALA A 34 9.38 -1.50 -6.07
C ALA A 34 10.11 -1.63 -4.73
N GLN A 35 11.32 -2.21 -4.76
CA GLN A 35 12.13 -2.40 -3.55
C GLN A 35 12.55 -1.12 -2.82
N ALA A 36 12.73 0.00 -3.59
CA ALA A 36 13.17 1.30 -3.05
C ALA A 36 12.10 2.00 -2.19
N ALA A 37 10.85 1.44 -2.15
CA ALA A 37 9.79 1.96 -1.31
C ALA A 37 10.21 1.83 0.18
N SER A 38 9.68 2.70 1.04
CA SER A 38 9.87 2.60 2.49
C SER A 38 9.30 1.26 2.93
N THR A 39 9.85 0.70 4.02
CA THR A 39 9.42 -0.60 4.55
C THR A 39 9.40 -0.53 6.08
N SER A 40 8.25 -0.87 6.73
CA SER A 40 8.12 -0.80 8.19
C SER A 40 9.24 -1.54 8.87
N SER A 41 10.00 -0.84 9.74
CA SER A 41 11.08 -1.46 10.51
C SER A 41 12.09 -2.28 9.68
N TYR A 42 12.28 -1.92 8.38
CA TYR A 42 13.23 -2.57 7.47
C TYR A 42 12.84 -4.03 7.16
N ILE A 43 11.56 -4.41 7.47
CA ILE A 43 11.02 -5.77 7.34
C ILE A 43 11.04 -6.41 5.94
N GLN A 44 10.80 -5.60 4.87
CA GLN A 44 10.76 -6.06 3.47
C GLN A 44 9.91 -7.33 3.36
N ALA A 45 8.66 -7.26 3.88
CA ALA A 45 7.73 -8.40 4.02
C ALA A 45 6.95 -8.72 2.75
N TYR A 46 7.69 -8.84 1.65
CA TYR A 46 7.11 -9.13 0.35
C TYR A 46 7.99 -10.00 -0.52
N SER A 47 7.35 -10.60 -1.52
CA SER A 47 8.00 -11.34 -2.59
C SER A 47 7.21 -11.05 -3.85
N ILE A 48 7.88 -11.04 -4.99
CA ILE A 48 7.25 -10.77 -6.29
C ILE A 48 7.52 -11.97 -7.20
N ILE A 49 6.49 -12.55 -7.78
CA ILE A 49 6.64 -13.69 -8.69
C ILE A 49 6.36 -13.19 -10.11
N GLY A 50 7.33 -13.33 -11.00
CA GLY A 50 7.18 -12.97 -12.41
C GLY A 50 6.67 -14.17 -13.19
N VAL A 51 5.59 -13.98 -13.94
CA VAL A 51 5.01 -15.11 -14.68
C VAL A 51 5.14 -14.88 -16.19
N LYS A 52 5.96 -15.74 -16.85
CA LYS A 52 6.22 -15.74 -18.29
C LYS A 52 5.65 -16.98 -18.98
N ASP A 53 5.48 -18.10 -18.23
CA ASP A 53 4.94 -19.34 -18.79
C ASP A 53 3.51 -19.09 -19.29
N LYS A 54 3.30 -19.21 -20.61
CA LYS A 54 2.03 -18.99 -21.29
C LYS A 54 0.86 -19.83 -20.76
N GLU A 55 1.12 -21.10 -20.40
CA GLU A 55 0.10 -22.00 -19.84
C GLU A 55 -0.33 -21.49 -18.45
N THR A 56 0.63 -21.01 -17.64
CA THR A 56 0.33 -20.44 -16.31
C THR A 56 -0.45 -19.12 -16.40
N LYS A 57 -0.08 -18.24 -17.36
CA LYS A 57 -0.75 -16.93 -17.58
C LYS A 57 -2.21 -17.11 -17.97
N ARG A 58 -2.50 -18.12 -18.80
CA ARG A 58 -3.84 -18.54 -19.20
C ARG A 58 -4.65 -19.01 -17.96
N LYS A 59 -4.06 -19.87 -17.11
CA LYS A 59 -4.73 -20.34 -15.90
C LYS A 59 -4.98 -19.20 -14.93
N LEU A 60 -3.99 -18.30 -14.76
CA LEU A 60 -4.14 -17.13 -13.89
C LEU A 60 -5.25 -16.18 -14.36
N ALA A 61 -5.35 -15.99 -15.68
CA ALA A 61 -6.39 -15.15 -16.30
C ALA A 61 -7.78 -15.71 -15.97
N GLN A 62 -7.92 -17.04 -16.01
CA GLN A 62 -9.17 -17.74 -15.69
C GLN A 62 -9.46 -17.62 -14.19
N LEU A 63 -8.45 -17.89 -13.31
CA LEU A 63 -8.60 -17.76 -11.83
C LEU A 63 -8.94 -16.34 -11.39
N ALA A 64 -8.41 -15.31 -12.10
CA ALA A 64 -8.69 -13.89 -11.82
C ALA A 64 -10.13 -13.46 -12.20
N GLY A 65 -10.88 -14.36 -12.82
CA GLY A 65 -12.26 -14.12 -13.24
C GLY A 65 -12.39 -13.81 -14.71
N ASN A 66 -11.57 -14.48 -15.55
CA ASN A 66 -11.51 -14.31 -17.00
C ASN A 66 -11.12 -12.89 -17.40
N GLN A 67 -9.93 -12.45 -16.97
CA GLN A 67 -9.40 -11.14 -17.29
C GLN A 67 -8.31 -11.40 -18.33
N PRO A 68 -8.60 -11.20 -19.64
CA PRO A 68 -7.63 -11.56 -20.68
C PRO A 68 -6.33 -10.78 -20.70
N TYR A 69 -6.31 -9.59 -20.08
CA TYR A 69 -5.09 -8.78 -19.96
C TYR A 69 -4.08 -9.38 -18.97
N VAL A 70 -4.49 -10.45 -18.23
CA VAL A 70 -3.59 -11.22 -17.34
C VAL A 70 -2.80 -12.19 -18.26
N GLU A 71 -3.45 -12.70 -19.32
CA GLU A 71 -2.83 -13.60 -20.27
C GLU A 71 -2.00 -12.83 -21.35
N THR A 72 -2.58 -11.76 -21.91
CA THR A 72 -1.95 -10.96 -22.99
C THR A 72 -1.43 -9.63 -22.46
N ASN A 73 -0.09 -9.54 -22.33
CA ASN A 73 0.61 -8.35 -21.82
C ASN A 73 2.14 -8.45 -22.07
N GLY A 74 2.89 -7.48 -21.53
CA GLY A 74 4.35 -7.46 -21.62
C GLY A 74 4.98 -8.36 -20.56
N HIS A 75 4.37 -8.36 -19.36
CA HIS A 75 4.79 -9.17 -18.22
C HIS A 75 3.69 -9.20 -17.18
N PHE A 76 3.65 -10.28 -16.40
CA PHE A 76 2.70 -10.41 -15.31
C PHE A 76 3.45 -10.66 -14.01
N PHE A 77 3.25 -9.77 -13.02
CA PHE A 77 3.85 -9.90 -11.69
C PHE A 77 2.74 -10.31 -10.69
N VAL A 78 3.10 -11.13 -9.71
CA VAL A 78 2.19 -11.48 -8.60
C VAL A 78 2.82 -10.94 -7.32
N PHE A 79 2.17 -9.96 -6.67
CA PHE A 79 2.70 -9.36 -5.44
C PHE A 79 2.19 -10.14 -4.22
N CYS A 80 3.15 -10.64 -3.40
CA CYS A 80 2.85 -11.48 -2.21
C CYS A 80 3.32 -10.87 -0.92
N ALA A 81 2.49 -11.04 0.15
CA ALA A 81 2.87 -10.71 1.53
C ALA A 81 3.73 -11.91 1.91
N ASP A 82 4.93 -11.67 2.46
CA ASP A 82 5.87 -12.75 2.73
C ASP A 82 6.49 -12.69 4.13
N PHE A 83 6.07 -13.64 5.02
CA PHE A 83 6.67 -13.85 6.34
C PHE A 83 7.42 -15.20 6.37
N HIS A 84 7.44 -15.90 5.21
CA HIS A 84 8.18 -17.16 5.11
C HIS A 84 9.69 -16.87 5.26
N ARG A 85 10.17 -15.78 4.63
CA ARG A 85 11.56 -15.31 4.76
C ARG A 85 11.89 -15.13 6.27
N HIS A 86 10.94 -14.58 7.06
CA HIS A 86 11.10 -14.34 8.52
C HIS A 86 11.04 -15.63 9.33
N ASP A 87 10.30 -16.65 8.83
CA ASP A 87 10.26 -17.98 9.46
C ASP A 87 11.63 -18.63 9.30
N VAL A 88 12.28 -18.41 8.13
CA VAL A 88 13.64 -18.87 7.83
C VAL A 88 14.61 -18.17 8.80
N ILE A 89 14.43 -16.84 9.03
CA ILE A 89 15.20 -16.06 10.03
C ILE A 89 15.05 -16.69 11.43
N ALA A 90 13.80 -17.08 11.81
CA ALA A 90 13.50 -17.73 13.11
C ALA A 90 14.36 -18.99 13.30
N GLU A 91 14.53 -19.80 12.21
CA GLU A 91 15.42 -20.97 12.29
C GLU A 91 16.90 -20.59 12.38
N MET A 92 17.36 -19.59 11.56
CA MET A 92 18.75 -19.10 11.51
C MET A 92 19.19 -18.51 12.83
N GLU A 93 18.32 -17.70 13.46
CA GLU A 93 18.60 -17.00 14.72
C GLU A 93 18.18 -17.79 15.98
N LYS A 94 17.46 -18.93 15.80
CA LYS A 94 16.92 -19.80 16.86
C LYS A 94 16.10 -19.00 17.88
N LYS A 95 15.09 -18.28 17.37
CA LYS A 95 14.18 -17.45 18.15
C LYS A 95 12.79 -17.65 17.63
N ASP A 96 11.82 -17.79 18.54
CA ASP A 96 10.41 -17.94 18.19
C ASP A 96 9.86 -16.56 17.79
N LEU A 97 9.46 -16.41 16.53
CA LEU A 97 8.93 -15.14 16.01
C LEU A 97 7.43 -15.26 15.70
N SER A 98 6.83 -16.43 15.98
CA SER A 98 5.44 -16.73 15.62
C SER A 98 4.37 -15.82 16.17
N THR A 99 4.45 -15.42 17.45
CA THR A 99 3.44 -14.52 18.06
C THR A 99 3.34 -13.22 17.26
N ALA A 100 4.49 -12.57 16.99
CA ALA A 100 4.51 -11.35 16.18
C ALA A 100 4.05 -11.64 14.73
N LEU A 101 4.63 -12.64 14.08
CA LEU A 101 4.30 -12.94 12.67
C LEU A 101 2.85 -13.32 12.37
N GLU A 102 2.16 -13.91 13.35
CA GLU A 102 0.77 -14.34 13.20
C GLU A 102 -0.25 -13.29 13.64
N SER A 103 0.23 -12.16 14.20
CA SER A 103 -0.62 -11.08 14.71
C SER A 103 -1.27 -10.23 13.61
N THR A 104 -2.37 -9.56 13.97
CA THR A 104 -3.12 -8.65 13.10
C THR A 104 -2.25 -7.45 12.76
N GLU A 105 -1.46 -6.95 13.75
CA GLU A 105 -0.51 -5.85 13.56
C GLU A 105 0.48 -6.16 12.41
N GLN A 106 1.11 -7.35 12.43
CA GLN A 106 2.08 -7.73 11.38
C GLN A 106 1.43 -7.98 10.03
N PHE A 107 0.18 -8.46 10.04
CA PHE A 107 -0.59 -8.68 8.82
C PHE A 107 -0.78 -7.32 8.11
N MET A 108 -1.12 -6.27 8.91
CA MET A 108 -1.28 -4.90 8.41
C MET A 108 0.06 -4.41 7.86
N VAL A 109 1.16 -4.65 8.62
CA VAL A 109 2.51 -4.31 8.22
C VAL A 109 2.83 -4.93 6.84
N ALA A 110 2.56 -6.24 6.67
CA ALA A 110 2.88 -6.94 5.41
C ALA A 110 2.05 -6.39 4.22
N ILE A 111 0.77 -6.11 4.43
CA ILE A 111 -0.11 -5.55 3.38
C ILE A 111 0.41 -4.19 2.93
N ILE A 112 0.73 -3.30 3.90
CA ILE A 112 1.28 -1.97 3.61
C ILE A 112 2.57 -2.11 2.80
N ASP A 113 3.51 -2.93 3.27
CA ASP A 113 4.81 -3.15 2.64
C ASP A 113 4.68 -3.55 1.17
N VAL A 114 3.82 -4.53 0.88
CA VAL A 114 3.55 -5.00 -0.49
C VAL A 114 3.00 -3.87 -1.37
N ALA A 115 2.00 -3.15 -0.83
CA ALA A 115 1.29 -2.10 -1.59
C ALA A 115 2.24 -0.92 -1.94
N LEU A 116 3.13 -0.51 -0.98
CA LEU A 116 4.04 0.60 -1.27
C LEU A 116 4.99 0.21 -2.40
N ALA A 117 5.50 -1.05 -2.34
CA ALA A 117 6.41 -1.59 -3.35
C ALA A 117 5.68 -1.65 -4.73
N ALA A 118 4.44 -2.15 -4.74
CA ALA A 118 3.64 -2.26 -5.95
C ALA A 118 3.40 -0.90 -6.63
N GLN A 119 3.14 0.15 -5.82
CA GLN A 119 2.90 1.48 -6.37
C GLN A 119 4.15 2.09 -6.99
N ASN A 120 5.33 1.79 -6.40
CA ASN A 120 6.60 2.19 -7.03
C ASN A 120 6.80 1.44 -8.36
N ALA A 121 6.50 0.13 -8.38
CA ALA A 121 6.59 -0.72 -9.58
C ALA A 121 5.67 -0.16 -10.69
N THR A 122 4.44 0.26 -10.31
CA THR A 122 3.46 0.82 -11.24
C THR A 122 3.98 2.12 -11.87
N LEU A 123 4.45 3.05 -11.02
CA LEU A 123 4.96 4.33 -11.49
C LEU A 123 6.18 4.16 -12.35
N ALA A 124 7.12 3.25 -11.95
CA ALA A 124 8.30 2.97 -12.77
C ALA A 124 7.84 2.47 -14.17
N ALA A 125 6.92 1.48 -14.21
CA ALA A 125 6.40 0.94 -15.48
C ALA A 125 5.76 2.06 -16.31
N GLU A 126 4.89 2.89 -15.70
CA GLU A 126 4.21 3.99 -16.41
C GLU A 126 5.18 5.03 -16.94
N SER A 127 6.27 5.32 -16.19
CA SER A 127 7.28 6.29 -16.62
C SER A 127 8.03 5.82 -17.87
N MET A 128 8.05 4.49 -18.12
CA MET A 128 8.68 3.87 -19.30
C MET A 128 7.70 3.73 -20.48
N GLY A 129 6.57 4.44 -20.42
CA GLY A 129 5.54 4.43 -21.46
C GLY A 129 4.67 3.19 -21.44
N LEU A 130 4.80 2.36 -20.40
CA LEU A 130 3.97 1.15 -20.31
C LEU A 130 2.63 1.44 -19.66
N GLY A 131 1.66 0.62 -19.99
CA GLY A 131 0.36 0.63 -19.33
C GLY A 131 0.45 -0.33 -18.16
N ALA A 132 -0.36 -0.12 -17.12
CA ALA A 132 -0.40 -1.00 -15.95
C ALA A 132 -1.83 -1.17 -15.44
N CYS A 133 -2.08 -2.29 -14.73
CA CYS A 133 -3.35 -2.56 -14.07
C CYS A 133 -3.11 -3.55 -12.94
N TYR A 134 -3.56 -3.19 -11.72
CA TYR A 134 -3.57 -4.08 -10.57
C TYR A 134 -4.65 -5.15 -10.83
N ILE A 135 -4.42 -6.38 -10.34
CA ILE A 135 -5.34 -7.50 -10.52
C ILE A 135 -5.64 -8.16 -9.18
N GLY A 136 -6.62 -7.61 -8.49
CA GLY A 136 -7.09 -8.15 -7.22
C GLY A 136 -7.93 -9.38 -7.46
N GLY A 137 -8.33 -9.60 -8.73
CA GLY A 137 -9.10 -10.75 -9.21
C GLY A 137 -8.51 -12.07 -8.75
N LEU A 138 -7.19 -12.14 -8.55
CA LEU A 138 -6.46 -13.31 -8.04
C LEU A 138 -7.05 -13.79 -6.70
N ARG A 139 -7.61 -12.86 -5.88
CA ARG A 139 -8.22 -13.13 -4.59
C ARG A 139 -9.54 -13.91 -4.63
N ASN A 140 -10.07 -14.17 -5.84
CA ASN A 140 -11.24 -15.03 -6.01
C ASN A 140 -10.85 -16.48 -5.69
N GLU A 141 -9.59 -16.85 -6.02
CA GLU A 141 -9.11 -18.23 -5.95
C GLU A 141 -7.70 -18.35 -5.38
N LEU A 142 -7.50 -17.87 -4.15
CA LEU A 142 -6.18 -17.89 -3.53
C LEU A 142 -5.53 -19.25 -3.37
N GLU A 143 -6.30 -20.31 -3.03
CA GLU A 143 -5.71 -21.65 -2.92
C GLU A 143 -5.16 -22.16 -4.25
N GLU A 144 -5.91 -21.96 -5.36
CA GLU A 144 -5.44 -22.39 -6.68
C GLU A 144 -4.26 -21.54 -7.16
N VAL A 145 -4.30 -20.23 -6.90
CA VAL A 145 -3.22 -19.30 -7.28
C VAL A 145 -1.94 -19.71 -6.51
N SER A 146 -2.06 -19.95 -5.18
CA SER A 146 -0.95 -20.34 -4.29
C SER A 146 -0.34 -21.68 -4.75
N LYS A 147 -1.18 -22.64 -5.17
CA LYS A 147 -0.75 -23.95 -5.65
C LYS A 147 0.06 -23.80 -6.97
N LEU A 148 -0.46 -22.99 -7.93
CA LEU A 148 0.23 -22.72 -9.21
C LEU A 148 1.60 -22.07 -9.01
N LEU A 149 1.71 -21.14 -8.05
CA LEU A 149 2.97 -20.46 -7.75
C LEU A 149 3.84 -21.25 -6.75
N LYS A 150 3.32 -22.40 -6.26
CA LYS A 150 3.97 -23.28 -5.29
C LYS A 150 4.42 -22.50 -4.04
N LEU A 151 3.52 -21.66 -3.52
CA LEU A 151 3.83 -20.84 -2.35
C LEU A 151 3.92 -21.66 -1.07
N PRO A 152 4.93 -21.41 -0.22
CA PRO A 152 4.99 -22.13 1.06
C PRO A 152 4.06 -21.46 2.09
N HIS A 153 4.10 -21.91 3.34
CA HIS A 153 3.37 -21.31 4.44
C HIS A 153 3.85 -19.83 4.61
N HIS A 154 2.99 -18.93 5.13
CA HIS A 154 3.34 -17.52 5.38
C HIS A 154 3.60 -16.66 4.15
N VAL A 155 3.12 -17.13 2.98
CA VAL A 155 3.21 -16.35 1.74
C VAL A 155 1.79 -16.31 1.15
N ILE A 156 1.23 -15.12 0.97
CA ILE A 156 -0.08 -14.96 0.34
C ILE A 156 -0.06 -13.99 -0.85
N PRO A 157 -0.66 -14.36 -1.98
CA PRO A 157 -0.75 -13.39 -3.09
C PRO A 157 -1.79 -12.33 -2.69
N LEU A 158 -1.50 -11.06 -2.91
CA LEU A 158 -2.47 -10.01 -2.60
C LEU A 158 -3.11 -9.54 -3.89
N PHE A 159 -2.32 -9.42 -4.97
CA PHE A 159 -2.86 -9.00 -6.27
C PHE A 159 -1.80 -9.20 -7.32
N GLY A 160 -2.24 -9.22 -8.56
CA GLY A 160 -1.34 -9.25 -9.70
C GLY A 160 -1.06 -7.84 -10.16
N LEU A 161 -0.14 -7.70 -11.09
CA LEU A 161 0.17 -6.44 -11.74
C LEU A 161 0.52 -6.74 -13.19
N THR A 162 -0.37 -6.35 -14.11
CA THR A 162 -0.09 -6.52 -15.54
C THR A 162 0.61 -5.26 -15.99
N VAL A 163 1.57 -5.40 -16.89
CA VAL A 163 2.30 -4.31 -17.51
C VAL A 163 2.49 -4.62 -19.00
N GLY A 164 2.68 -3.59 -19.81
CA GLY A 164 2.94 -3.79 -21.22
C GLY A 164 2.71 -2.57 -22.06
N HIS A 165 3.04 -2.70 -23.36
CA HIS A 165 2.83 -1.66 -24.34
C HIS A 165 1.32 -1.60 -24.57
N PRO A 166 0.66 -0.46 -24.29
CA PRO A 166 -0.81 -0.39 -24.50
C PRO A 166 -1.21 -0.61 -25.96
N ALA A 167 -2.37 -1.28 -26.17
CA ALA A 167 -2.93 -1.51 -27.50
C ALA A 167 -4.19 -0.62 -27.68
N GLY A 168 -4.29 0.36 -26.81
CA GLY A 168 -5.40 1.29 -26.84
C GLY A 168 -5.25 2.37 -25.80
N ILE A 169 -6.21 3.27 -25.79
CA ILE A 169 -6.23 4.37 -24.87
C ILE A 169 -7.54 4.35 -24.08
N THR A 170 -7.53 4.91 -22.88
CA THR A 170 -8.71 5.07 -22.05
C THR A 170 -8.61 6.40 -21.32
N ASP A 171 -9.73 6.87 -20.76
CA ASP A 171 -9.77 8.15 -20.06
C ASP A 171 -9.42 8.03 -18.58
N LYS A 172 -9.23 9.18 -17.92
CA LYS A 172 -8.95 9.25 -16.48
C LYS A 172 -10.27 9.17 -15.74
N LYS A 173 -10.31 8.39 -14.65
CA LYS A 173 -11.52 8.19 -13.84
C LYS A 173 -11.57 9.28 -12.75
N PRO A 174 -12.62 10.15 -12.72
CA PRO A 174 -12.65 11.22 -11.71
C PRO A 174 -12.66 10.72 -10.27
N ARG A 175 -11.84 11.34 -9.42
CA ARG A 175 -11.75 10.99 -8.01
C ARG A 175 -12.64 11.86 -7.16
N LEU A 176 -12.93 11.43 -5.93
CA LEU A 176 -13.68 12.23 -4.97
C LEU A 176 -13.02 13.61 -4.82
N PRO A 177 -13.78 14.67 -4.44
CA PRO A 177 -13.13 15.99 -4.29
C PRO A 177 -12.05 16.00 -3.21
N PHE A 178 -10.97 16.76 -3.46
CA PHE A 178 -9.84 16.97 -2.55
C PHE A 178 -10.35 17.32 -1.14
N LYS A 179 -11.29 18.27 -1.03
CA LYS A 179 -11.90 18.74 0.23
C LYS A 179 -12.78 17.71 0.95
N HIS A 180 -13.13 16.61 0.27
CA HIS A 180 -13.92 15.53 0.85
C HIS A 180 -12.98 14.49 1.48
N VAL A 181 -11.94 14.07 0.74
CA VAL A 181 -10.95 13.07 1.18
C VAL A 181 -9.97 13.66 2.23
N TYR A 182 -9.60 14.94 2.06
CA TYR A 182 -8.66 15.64 2.94
C TYR A 182 -9.40 16.49 3.96
N HIS A 183 -9.10 16.28 5.26
CA HIS A 183 -9.73 16.97 6.39
CA HIS A 183 -9.69 17.12 6.29
C HIS A 183 -8.63 17.69 7.19
N GLU A 184 -8.86 18.92 7.64
CA GLU A 184 -7.89 19.64 8.48
C GLU A 184 -8.20 19.37 9.95
N GLU A 185 -7.19 18.88 10.69
CA GLU A 185 -7.23 18.60 12.14
C GLU A 185 -8.07 17.43 12.58
N THR A 186 -9.35 17.39 12.16
CA THR A 186 -10.29 16.36 12.59
C THR A 186 -11.17 15.91 11.43
N TYR A 187 -11.75 14.70 11.57
CA TYR A 187 -12.63 14.14 10.57
C TYR A 187 -13.91 14.98 10.47
N GLU A 188 -14.50 15.03 9.27
CA GLU A 188 -15.78 15.69 8.97
C GLU A 188 -16.82 15.34 10.09
N PRO A 189 -17.26 16.31 10.93
CA PRO A 189 -18.20 15.97 12.01
C PRO A 189 -19.66 15.74 11.61
N ASN A 190 -20.06 16.18 10.40
CA ASN A 190 -21.46 16.05 10.00
C ASN A 190 -21.67 15.10 8.81
N ASP A 191 -22.38 13.98 9.04
CA ASP A 191 -22.73 12.99 8.01
C ASP A 191 -23.63 13.61 6.91
N GLU A 192 -24.41 14.65 7.26
CA GLU A 192 -25.27 15.36 6.28
C GLU A 192 -24.37 16.06 5.26
N GLN A 193 -23.19 16.56 5.70
CA GLN A 193 -22.19 17.18 4.83
C GLN A 193 -21.57 16.12 3.88
N THR A 194 -21.25 14.94 4.42
CA THR A 194 -20.71 13.81 3.64
C THR A 194 -21.72 13.41 2.53
N LYS A 195 -23.03 13.28 2.88
CA LYS A 195 -24.11 12.93 1.93
C LYS A 195 -24.22 13.95 0.80
N LYS A 196 -24.11 15.24 1.17
CA LYS A 196 -24.17 16.37 0.27
C LYS A 196 -23.02 16.31 -0.76
N GLU A 197 -21.80 16.02 -0.28
CA GLU A 197 -20.62 15.92 -1.13
C GLU A 197 -20.69 14.68 -2.01
N LEU A 198 -21.25 13.56 -1.50
CA LEU A 198 -21.44 12.33 -2.29
C LEU A 198 -22.50 12.52 -3.37
N THR A 199 -23.51 13.38 -3.11
CA THR A 199 -24.56 13.70 -4.10
C THR A 199 -23.95 14.48 -5.27
N ALA A 200 -23.08 15.45 -4.96
CA ALA A 200 -22.37 16.27 -5.96
C ALA A 200 -21.39 15.38 -6.77
N TYR A 201 -20.67 14.44 -6.08
CA TYR A 201 -19.76 13.49 -6.74
C TYR A 201 -20.56 12.57 -7.67
N ASN A 202 -21.76 12.11 -7.23
CA ASN A 202 -22.67 11.30 -8.05
C ASN A 202 -23.03 11.99 -9.35
N GLU A 203 -23.26 13.33 -9.32
CA GLU A 203 -23.60 14.13 -10.52
C GLU A 203 -22.41 14.13 -11.48
N GLU A 204 -21.18 14.25 -10.94
CA GLU A 204 -19.96 14.20 -11.74
C GLU A 204 -19.77 12.81 -12.37
N ILE A 205 -19.92 11.73 -11.57
CA ILE A 205 -19.76 10.35 -12.03
C ILE A 205 -20.81 9.95 -13.07
N SER A 206 -22.07 10.33 -12.81
CA SER A 206 -23.19 10.06 -13.71
C SER A 206 -22.91 10.72 -15.08
N ALA A 207 -22.46 12.01 -15.09
CA ALA A 207 -22.12 12.75 -16.33
C ALA A 207 -20.91 12.10 -17.03
N TYR A 208 -19.91 11.69 -16.26
CA TYR A 208 -18.72 11.02 -16.79
C TYR A 208 -19.10 9.74 -17.55
N TYR A 209 -19.93 8.87 -16.94
CA TYR A 209 -20.37 7.65 -17.62
C TYR A 209 -21.26 7.99 -18.83
N ASN A 210 -22.16 8.96 -18.67
CA ASN A 210 -23.09 9.37 -19.76
C ASN A 210 -22.30 9.83 -21.03
N GLU A 211 -21.29 10.68 -20.83
CA GLU A 211 -20.45 11.19 -21.91
C GLU A 211 -19.59 10.11 -22.57
N ARG A 212 -19.01 9.19 -21.76
CA ARG A 212 -18.13 8.16 -22.31
C ARG A 212 -18.81 6.99 -23.01
N THR A 213 -20.07 6.68 -22.65
CA THR A 213 -20.87 5.57 -23.20
C THR A 213 -21.96 6.08 -24.15
N ASN A 214 -21.95 7.39 -24.48
CA ASN A 214 -22.97 8.06 -25.30
C ASN A 214 -24.40 7.80 -24.81
N GLY A 215 -24.58 7.85 -23.49
CA GLY A 215 -25.88 7.70 -22.87
C GLY A 215 -26.28 6.30 -22.48
N LYS A 216 -25.46 5.28 -22.81
CA LYS A 216 -25.76 3.89 -22.49
C LYS A 216 -25.80 3.66 -20.95
N ARG A 217 -24.91 4.32 -20.21
CA ARG A 217 -24.82 4.19 -18.75
C ARG A 217 -24.69 5.55 -18.09
N GLN A 218 -25.35 5.75 -16.93
CA GLN A 218 -25.32 7.00 -16.17
C GLN A 218 -25.23 6.69 -14.67
N ASP A 219 -24.59 5.58 -14.32
CA ASP A 219 -24.42 5.12 -12.94
C ASP A 219 -23.82 6.20 -12.04
N THR A 220 -24.34 6.29 -10.83
CA THR A 220 -23.82 7.19 -9.81
C THR A 220 -22.73 6.38 -9.11
N TRP A 221 -21.82 7.06 -8.40
CA TRP A 221 -20.76 6.36 -7.67
C TRP A 221 -21.33 5.62 -6.44
N THR A 222 -22.22 6.27 -5.66
CA THR A 222 -22.87 5.64 -4.48
C THR A 222 -23.70 4.41 -4.90
N GLY A 223 -24.36 4.51 -6.06
CA GLY A 223 -25.16 3.43 -6.63
C GLY A 223 -24.28 2.23 -6.96
N GLN A 224 -23.16 2.48 -7.64
CA GLN A 224 -22.15 1.50 -8.03
C GLN A 224 -21.54 0.83 -6.77
N MET A 225 -21.17 1.64 -5.75
CA MET A 225 -20.62 1.16 -4.48
C MET A 225 -21.65 0.25 -3.76
N ALA A 226 -22.89 0.73 -3.56
CA ALA A 226 -23.91 -0.04 -2.87
C ALA A 226 -24.20 -1.36 -3.59
N GLU A 227 -24.26 -1.36 -4.93
CA GLU A 227 -24.50 -2.55 -5.76
C GLU A 227 -23.45 -3.63 -5.47
N MET A 228 -22.16 -3.29 -5.56
CA MET A 228 -21.10 -4.25 -5.28
C MET A 228 -21.00 -4.68 -3.82
N LEU A 229 -21.12 -3.72 -2.87
CA LEU A 229 -21.00 -3.98 -1.44
C LEU A 229 -22.18 -4.71 -0.80
N SER A 230 -23.36 -4.73 -1.45
CA SER A 230 -24.53 -5.45 -0.95
C SER A 230 -24.46 -6.93 -1.36
N ASN A 231 -23.49 -7.28 -2.22
CA ASN A 231 -23.26 -8.66 -2.69
C ASN A 231 -21.88 -9.12 -2.21
N PRO A 232 -21.72 -9.45 -0.90
CA PRO A 232 -20.39 -9.84 -0.39
C PRO A 232 -19.78 -11.06 -1.05
N LYS A 233 -18.52 -10.94 -1.41
CA LYS A 233 -17.75 -12.01 -2.04
C LYS A 233 -16.44 -12.19 -1.31
N ARG A 234 -15.73 -13.29 -1.61
CA ARG A 234 -14.46 -13.66 -0.99
C ARG A 234 -14.61 -13.74 0.55
N MET A 235 -15.74 -14.30 1.03
CA MET A 235 -15.98 -14.40 2.45
C MET A 235 -15.12 -15.49 3.13
N TYR A 236 -14.46 -16.35 2.31
CA TYR A 236 -13.54 -17.40 2.75
C TYR A 236 -12.19 -16.77 3.20
N MET A 237 -11.92 -15.49 2.82
CA MET A 237 -10.66 -14.77 3.09
C MET A 237 -10.10 -14.86 4.52
N LYS A 238 -10.93 -14.62 5.56
CA LYS A 238 -10.46 -14.68 6.97
C LYS A 238 -9.79 -16.03 7.25
N GLU A 239 -10.46 -17.12 6.91
CA GLU A 239 -9.97 -18.48 7.11
C GLU A 239 -8.76 -18.84 6.26
N PHE A 240 -8.73 -18.43 4.97
CA PHE A 240 -7.58 -18.68 4.09
C PHE A 240 -6.33 -17.98 4.61
N VAL A 241 -6.43 -16.66 4.94
CA VAL A 241 -5.26 -15.92 5.46
C VAL A 241 -4.73 -16.53 6.78
N GLU A 242 -5.65 -17.00 7.65
CA GLU A 242 -5.25 -17.68 8.90
C GLU A 242 -4.54 -19.01 8.65
N LYS A 243 -5.06 -19.82 7.70
CA LYS A 243 -4.52 -21.12 7.25
C LYS A 243 -3.06 -20.96 6.81
N GLN A 244 -2.73 -19.79 6.27
CA GLN A 244 -1.40 -19.42 5.81
C GLN A 244 -0.56 -18.69 6.85
N GLY A 245 -1.04 -18.65 8.10
CA GLY A 245 -0.33 -18.08 9.24
C GLY A 245 -0.50 -16.59 9.51
N PHE A 246 -1.47 -15.94 8.90
CA PHE A 246 -1.65 -14.50 9.10
C PHE A 246 -2.91 -14.15 9.84
N ASN A 247 -2.90 -12.97 10.53
CA ASN A 247 -4.09 -12.36 11.13
C ASN A 247 -4.86 -13.35 12.04
N LYS A 248 -4.14 -14.14 12.87
CA LYS A 248 -4.78 -15.19 13.71
C LYS A 248 -5.34 -14.64 15.01
N MET B 1 18.25 6.24 -16.15
CA MET B 1 16.81 6.27 -15.91
C MET B 1 16.19 7.67 -16.09
N ASN B 2 14.86 7.69 -16.35
CA ASN B 2 14.06 8.91 -16.49
C ASN B 2 13.88 9.59 -15.10
N SER B 3 13.26 10.78 -15.07
CA SER B 3 13.04 11.55 -13.85
C SER B 3 12.34 10.78 -12.73
N VAL B 4 11.25 10.06 -13.06
CA VAL B 4 10.41 9.30 -12.12
C VAL B 4 11.22 8.18 -11.44
N ILE B 5 11.92 7.36 -12.25
CA ILE B 5 12.75 6.26 -11.72
C ILE B 5 13.89 6.78 -10.84
N GLU B 6 14.58 7.84 -11.30
CA GLU B 6 15.66 8.47 -10.52
C GLU B 6 15.15 8.97 -9.16
N THR B 7 13.95 9.57 -9.12
CA THR B 7 13.35 10.03 -7.86
C THR B 7 12.97 8.85 -6.96
N ILE B 8 12.32 7.79 -7.53
CA ILE B 8 11.97 6.57 -6.78
C ILE B 8 13.23 5.99 -6.11
N LEU B 9 14.32 5.83 -6.89
CA LEU B 9 15.56 5.22 -6.40
C LEU B 9 16.38 6.09 -5.45
N ASN B 10 16.11 7.40 -5.44
CA ASN B 10 16.81 8.34 -4.56
C ASN B 10 16.25 8.31 -3.11
N HIS B 11 15.09 7.67 -2.89
CA HIS B 11 14.45 7.66 -1.58
C HIS B 11 15.27 7.19 -0.38
N ARG B 12 15.15 7.93 0.72
CA ARG B 12 15.55 7.61 2.10
C ARG B 12 14.58 8.32 2.98
N SER B 13 14.28 7.72 4.09
CA SER B 13 13.41 8.32 5.10
C SER B 13 14.14 9.49 5.76
N ILE B 14 13.49 10.66 5.85
CA ILE B 14 14.09 11.86 6.46
C ILE B 14 13.47 12.08 7.84
N ARG B 15 14.31 12.19 8.88
CA ARG B 15 13.81 12.33 10.24
C ARG B 15 14.25 13.64 10.93
N LYS B 16 14.72 14.61 10.14
CA LYS B 16 15.15 15.91 10.66
C LYS B 16 14.72 16.98 9.68
N TYR B 17 13.82 17.87 10.14
CA TYR B 17 13.23 18.91 9.28
C TYR B 17 13.34 20.29 9.85
N GLU B 18 13.16 21.27 8.97
CA GLU B 18 13.04 22.68 9.32
C GLU B 18 11.61 22.85 9.88
N ASP B 19 11.45 23.74 10.88
CA ASP B 19 10.14 24.06 11.44
C ASP B 19 9.56 25.19 10.57
N LYS B 20 9.29 24.87 9.29
CA LYS B 20 8.83 25.79 8.26
C LYS B 20 7.65 25.14 7.53
N PRO B 21 6.43 25.71 7.66
CA PRO B 21 5.24 25.07 7.05
C PRO B 21 5.23 25.03 5.53
N LEU B 22 4.62 23.97 4.97
CA LEU B 22 4.44 23.87 3.53
C LEU B 22 3.33 24.85 3.15
N SER B 23 3.30 25.28 1.87
CA SER B 23 2.23 26.14 1.35
C SER B 23 0.98 25.27 1.16
N GLU B 24 -0.21 25.89 1.10
CA GLU B 24 -1.45 25.14 0.86
C GLU B 24 -1.40 24.43 -0.49
N GLU B 25 -0.75 25.05 -1.49
CA GLU B 25 -0.57 24.51 -2.83
C GLU B 25 0.27 23.20 -2.81
N GLN B 26 1.35 23.15 -1.98
CA GLN B 26 2.17 21.93 -1.84
C GLN B 26 1.34 20.83 -1.18
N ILE B 27 0.56 21.19 -0.14
CA ILE B 27 -0.29 20.24 0.57
C ILE B 27 -1.33 19.66 -0.39
N GLN B 28 -2.04 20.53 -1.13
CA GLN B 28 -3.06 20.08 -2.06
C GLN B 28 -2.46 19.16 -3.14
N THR B 29 -1.30 19.55 -3.74
CA THR B 29 -0.60 18.78 -4.77
C THR B 29 -0.28 17.36 -4.28
N ILE B 30 0.24 17.22 -3.04
CA ILE B 30 0.55 15.94 -2.39
C ILE B 30 -0.71 15.08 -2.31
N VAL B 31 -1.83 15.67 -1.83
CA VAL B 31 -3.12 14.98 -1.69
C VAL B 31 -3.69 14.57 -3.05
N GLU B 32 -3.67 15.47 -4.04
CA GLU B 32 -4.19 15.15 -5.38
C GLU B 32 -3.37 14.02 -6.03
N SER B 33 -2.05 13.98 -5.75
CA SER B 33 -1.16 12.93 -6.21
C SER B 33 -1.52 11.58 -5.56
N ALA B 34 -1.78 11.60 -4.24
CA ALA B 34 -2.25 10.45 -3.45
C ALA B 34 -3.55 9.88 -4.05
N GLN B 35 -4.51 10.75 -4.36
CA GLN B 35 -5.82 10.33 -4.94
C GLN B 35 -5.74 9.68 -6.32
N ALA B 36 -4.73 10.05 -7.13
CA ALA B 36 -4.52 9.54 -8.49
C ALA B 36 -4.08 8.07 -8.54
N ALA B 37 -3.74 7.47 -7.38
CA ALA B 37 -3.37 6.05 -7.27
C ALA B 37 -4.58 5.19 -7.68
N SER B 38 -4.30 3.97 -8.19
CA SER B 38 -5.35 3.00 -8.50
C SER B 38 -6.11 2.70 -7.19
N THR B 39 -7.39 2.32 -7.31
CA THR B 39 -8.23 2.02 -6.16
C THR B 39 -9.12 0.81 -6.49
N SER B 40 -9.08 -0.26 -5.66
CA SER B 40 -9.86 -1.48 -5.91
C SER B 40 -11.32 -1.15 -6.14
N SER B 41 -11.89 -1.56 -7.28
CA SER B 41 -13.31 -1.36 -7.60
C SER B 41 -13.79 0.09 -7.44
N TYR B 42 -12.89 1.10 -7.59
CA TYR B 42 -13.21 2.54 -7.50
C TYR B 42 -13.66 2.93 -6.07
N ILE B 43 -13.36 2.06 -5.06
CA ILE B 43 -13.78 2.21 -3.67
C ILE B 43 -13.30 3.48 -2.93
N GLN B 44 -12.05 3.95 -3.21
CA GLN B 44 -11.45 5.14 -2.58
C GLN B 44 -11.67 5.08 -1.04
N ALA B 45 -11.25 3.97 -0.43
CA ALA B 45 -11.51 3.65 0.98
C ALA B 45 -10.50 4.27 1.93
N TYR B 46 -10.30 5.58 1.77
CA TYR B 46 -9.36 6.32 2.59
C TYR B 46 -9.79 7.74 2.88
N SER B 47 -9.19 8.31 3.92
CA SER B 47 -9.29 9.70 4.31
C SER B 47 -7.93 10.12 4.82
N ILE B 48 -7.58 11.38 4.61
CA ILE B 48 -6.29 11.93 5.02
C ILE B 48 -6.57 13.12 5.94
N ILE B 49 -5.97 13.14 7.12
CA ILE B 49 -6.14 14.24 8.07
C ILE B 49 -4.84 15.03 8.12
N GLY B 50 -4.90 16.31 7.80
CA GLY B 50 -3.75 17.20 7.88
C GLY B 50 -3.68 17.83 9.26
N VAL B 51 -2.53 17.73 9.91
CA VAL B 51 -2.39 18.28 11.26
C VAL B 51 -1.39 19.45 11.29
N LYS B 52 -1.88 20.67 11.59
CA LYS B 52 -1.06 21.90 11.66
C LYS B 52 -0.98 22.45 13.10
N ASP B 53 -1.99 22.13 13.94
CA ASP B 53 -2.06 22.57 15.33
C ASP B 53 -0.85 22.01 16.09
N LYS B 54 0.03 22.92 16.57
CA LYS B 54 1.26 22.62 17.29
C LYS B 54 1.06 21.75 18.54
N GLU B 55 -0.03 21.98 19.30
CA GLU B 55 -0.37 21.22 20.51
C GLU B 55 -0.73 19.77 20.11
N THR B 56 -1.48 19.60 18.99
CA THR B 56 -1.85 18.27 18.50
C THR B 56 -0.64 17.50 17.99
N LYS B 57 0.25 18.19 17.22
CA LYS B 57 1.48 17.59 16.66
C LYS B 57 2.40 17.07 17.78
N ARG B 58 2.50 17.82 18.89
CA ARG B 58 3.30 17.47 20.08
C ARG B 58 2.69 16.20 20.74
N LYS B 59 1.34 16.14 20.92
CA LYS B 59 0.65 14.96 21.47
C LYS B 59 0.86 13.75 20.56
N LEU B 60 0.75 13.95 19.24
CA LEU B 60 0.95 12.88 18.25
C LEU B 60 2.38 12.34 18.30
N ALA B 61 3.40 13.25 18.49
CA ALA B 61 4.81 12.88 18.64
C ALA B 61 5.02 11.92 19.82
N GLN B 62 4.39 12.24 20.97
CA GLN B 62 4.44 11.42 22.20
C GLN B 62 3.71 10.08 21.95
N LEU B 63 2.48 10.12 21.41
CA LEU B 63 1.72 8.89 21.09
C LEU B 63 2.47 7.97 20.10
N ALA B 64 3.22 8.54 19.12
CA ALA B 64 4.02 7.77 18.16
C ALA B 64 5.28 7.13 18.78
N GLY B 65 5.54 7.43 20.06
CA GLY B 65 6.68 6.89 20.81
C GLY B 65 7.82 7.85 20.93
N ASN B 66 7.49 9.15 21.09
CA ASN B 66 8.44 10.27 21.19
C ASN B 66 9.32 10.41 19.93
N GLN B 67 8.66 10.62 18.79
CA GLN B 67 9.33 10.83 17.51
C GLN B 67 9.23 12.33 17.23
N PRO B 68 10.30 13.10 17.50
CA PRO B 68 10.19 14.57 17.38
C PRO B 68 9.92 15.13 16.00
N TYR B 69 10.21 14.35 14.94
CA TYR B 69 9.94 14.76 13.55
C TYR B 69 8.43 14.73 13.23
N VAL B 70 7.60 14.22 14.18
CA VAL B 70 6.12 14.26 14.08
C VAL B 70 5.68 15.67 14.55
N GLU B 71 6.42 16.25 15.51
CA GLU B 71 6.15 17.58 16.04
C GLU B 71 6.79 18.68 15.18
N THR B 72 8.06 18.49 14.75
CA THR B 72 8.82 19.48 13.95
C THR B 72 8.96 19.02 12.50
N ASN B 73 8.16 19.62 11.59
CA ASN B 73 8.13 19.28 10.16
C ASN B 73 7.43 20.42 9.36
N GLY B 74 7.23 20.23 8.05
CA GLY B 74 6.51 21.17 7.19
C GLY B 74 5.01 20.94 7.25
N HIS B 75 4.62 19.67 7.40
CA HIS B 75 3.23 19.25 7.50
C HIS B 75 3.18 17.82 8.01
N PHE B 76 2.11 17.49 8.71
CA PHE B 76 1.92 16.12 9.18
C PHE B 76 0.58 15.62 8.66
N PHE B 77 0.60 14.52 7.92
CA PHE B 77 -0.61 13.86 7.41
C PHE B 77 -0.85 12.57 8.20
N VAL B 78 -2.13 12.25 8.42
CA VAL B 78 -2.53 10.98 9.05
C VAL B 78 -3.35 10.22 8.02
N PHE B 79 -2.84 9.07 7.56
CA PHE B 79 -3.52 8.25 6.54
C PHE B 79 -4.46 7.25 7.22
N CYS B 80 -5.77 7.31 6.86
CA CYS B 80 -6.81 6.46 7.48
C CYS B 80 -7.51 5.56 6.49
N ALA B 81 -7.80 4.31 6.90
CA ALA B 81 -8.68 3.39 6.16
C ALA B 81 -10.08 3.92 6.50
N ASP B 82 -10.92 4.15 5.49
CA ASP B 82 -12.22 4.76 5.70
C ASP B 82 -13.37 4.02 5.02
N PHE B 83 -14.23 3.36 5.83
CA PHE B 83 -15.48 2.73 5.41
C PHE B 83 -16.68 3.50 6.00
N HIS B 84 -16.41 4.60 6.72
CA HIS B 84 -17.46 5.45 7.26
C HIS B 84 -18.20 6.12 6.09
N ARG B 85 -17.46 6.59 5.08
CA ARG B 85 -18.02 7.16 3.85
C ARG B 85 -19.01 6.13 3.23
N HIS B 86 -18.65 4.83 3.22
CA HIS B 86 -19.46 3.74 2.67
C HIS B 86 -20.65 3.37 3.57
N ASP B 87 -20.58 3.66 4.88
CA ASP B 87 -21.70 3.50 5.82
C ASP B 87 -22.74 4.59 5.49
N VAL B 88 -22.25 5.80 5.13
CA VAL B 88 -23.08 6.94 4.71
C VAL B 88 -23.80 6.55 3.39
N ILE B 89 -23.07 5.89 2.45
CA ILE B 89 -23.64 5.36 1.22
C ILE B 89 -24.77 4.35 1.53
N ALA B 90 -24.52 3.42 2.46
CA ALA B 90 -25.50 2.42 2.91
C ALA B 90 -26.83 3.10 3.29
N GLU B 91 -26.77 4.23 4.06
CA GLU B 91 -27.97 5.00 4.41
C GLU B 91 -28.62 5.71 3.19
N MET B 92 -27.80 6.34 2.31
CA MET B 92 -28.24 7.04 1.10
C MET B 92 -28.96 6.09 0.11
N GLU B 93 -28.38 4.89 -0.10
CA GLU B 93 -28.89 3.89 -1.04
C GLU B 93 -29.89 2.89 -0.41
N LYS B 94 -30.03 2.93 0.93
CA LYS B 94 -30.89 2.03 1.73
C LYS B 94 -30.59 0.54 1.43
N LYS B 95 -29.33 0.18 1.61
CA LYS B 95 -28.82 -1.18 1.42
C LYS B 95 -27.88 -1.52 2.55
N ASP B 96 -27.98 -2.74 3.08
CA ASP B 96 -27.09 -3.19 4.16
C ASP B 96 -25.73 -3.59 3.53
N LEU B 97 -24.68 -2.85 3.88
CA LEU B 97 -23.33 -3.07 3.35
C LEU B 97 -22.38 -3.61 4.41
N SER B 98 -22.90 -3.89 5.62
CA SER B 98 -22.09 -4.33 6.76
C SER B 98 -21.30 -5.62 6.60
N THR B 99 -21.89 -6.66 5.99
CA THR B 99 -21.22 -7.95 5.77
C THR B 99 -19.94 -7.73 4.97
N ALA B 100 -20.04 -7.03 3.82
CA ALA B 100 -18.85 -6.71 3.01
C ALA B 100 -17.88 -5.76 3.77
N LEU B 101 -18.38 -4.64 4.34
CA LEU B 101 -17.50 -3.67 5.03
C LEU B 101 -16.72 -4.18 6.24
N GLU B 102 -17.29 -5.17 6.93
CA GLU B 102 -16.67 -5.73 8.13
C GLU B 102 -15.79 -6.95 7.85
N SER B 103 -15.77 -7.42 6.59
CA SER B 103 -15.01 -8.61 6.18
C SER B 103 -13.50 -8.38 6.11
N THR B 104 -12.74 -9.50 6.21
CA THR B 104 -11.28 -9.50 6.12
C THR B 104 -10.85 -9.06 4.73
N GLU B 105 -11.59 -9.51 3.68
CA GLU B 105 -11.35 -9.12 2.29
C GLU B 105 -11.36 -7.59 2.13
N GLN B 106 -12.40 -6.91 2.66
CA GLN B 106 -12.50 -5.45 2.53
C GLN B 106 -11.48 -4.71 3.37
N PHE B 107 -11.09 -5.30 4.50
CA PHE B 107 -10.06 -4.72 5.37
C PHE B 107 -8.74 -4.67 4.57
N MET B 108 -8.44 -5.76 3.83
CA MET B 108 -7.26 -5.85 2.97
C MET B 108 -7.36 -4.81 1.86
N VAL B 109 -8.55 -4.71 1.23
CA VAL B 109 -8.85 -3.71 0.21
C VAL B 109 -8.54 -2.29 0.74
N ALA B 110 -9.05 -1.94 1.94
CA ALA B 110 -8.85 -0.61 2.53
C ALA B 110 -7.38 -0.32 2.82
N ILE B 111 -6.64 -1.31 3.38
CA ILE B 111 -5.21 -1.14 3.69
C ILE B 111 -4.43 -0.88 2.39
N ILE B 112 -4.67 -1.69 1.34
CA ILE B 112 -4.02 -1.51 0.03
C ILE B 112 -4.32 -0.11 -0.50
N ASP B 113 -5.61 0.30 -0.52
CA ASP B 113 -6.07 1.61 -1.01
C ASP B 113 -5.29 2.77 -0.37
N VAL B 114 -5.21 2.76 0.98
CA VAL B 114 -4.50 3.77 1.74
C VAL B 114 -3.02 3.81 1.36
N ALA B 115 -2.36 2.63 1.35
CA ALA B 115 -0.92 2.51 1.10
C ALA B 115 -0.54 2.99 -0.32
N LEU B 116 -1.36 2.65 -1.34
CA LEU B 116 -1.05 3.10 -2.72
C LEU B 116 -1.11 4.62 -2.79
N ALA B 117 -2.13 5.22 -2.16
CA ALA B 117 -2.32 6.66 -2.09
C ALA B 117 -1.14 7.31 -1.35
N ALA B 118 -0.74 6.74 -0.20
CA ALA B 118 0.38 7.26 0.61
C ALA B 118 1.70 7.27 -0.17
N GLN B 119 1.96 6.22 -0.97
CA GLN B 119 3.19 6.14 -1.75
C GLN B 119 3.23 7.19 -2.88
N ASN B 120 2.07 7.50 -3.47
CA ASN B 120 1.98 8.59 -4.43
C ASN B 120 2.25 9.94 -3.71
N ALA B 121 1.66 10.12 -2.51
CA ALA B 121 1.86 11.33 -1.69
C ALA B 121 3.36 11.51 -1.35
N THR B 122 4.05 10.40 -1.01
CA THR B 122 5.48 10.40 -0.67
C THR B 122 6.33 10.83 -1.87
N LEU B 123 6.08 10.20 -3.01
CA LEU B 123 6.83 10.52 -4.23
C LEU B 123 6.59 11.94 -4.69
N ALA B 124 5.32 12.41 -4.63
CA ALA B 124 5.00 13.81 -4.96
C ALA B 124 5.79 14.74 -4.04
N ALA B 125 5.77 14.51 -2.70
CA ALA B 125 6.51 15.34 -1.73
C ALA B 125 8.01 15.33 -2.06
N GLU B 126 8.60 14.13 -2.27
CA GLU B 126 10.03 14.01 -2.58
C GLU B 126 10.41 14.70 -3.89
N SER B 127 9.53 14.66 -4.90
CA SER B 127 9.78 15.32 -6.18
C SER B 127 9.85 16.85 -6.06
N MET B 128 9.23 17.41 -4.99
CA MET B 128 9.23 18.84 -4.69
C MET B 128 10.41 19.23 -3.77
N GLY B 129 11.40 18.34 -3.65
CA GLY B 129 12.58 18.56 -2.81
C GLY B 129 12.33 18.40 -1.32
N LEU B 130 11.16 17.88 -0.95
CA LEU B 130 10.87 17.65 0.46
C LEU B 130 11.40 16.29 0.94
N GLY B 131 11.66 16.21 2.23
CA GLY B 131 11.97 14.95 2.88
C GLY B 131 10.64 14.34 3.34
N ALA B 132 10.59 13.01 3.47
CA ALA B 132 9.38 12.32 3.95
C ALA B 132 9.76 11.15 4.85
N CYS B 133 8.82 10.77 5.74
CA CYS B 133 8.97 9.58 6.59
C CYS B 133 7.58 9.10 7.00
N TYR B 134 7.30 7.79 6.78
CA TYR B 134 6.09 7.14 7.26
C TYR B 134 6.21 7.01 8.78
N ILE B 135 5.08 7.11 9.48
CA ILE B 135 5.04 7.02 10.94
C ILE B 135 4.03 5.96 11.36
N GLY B 136 4.52 4.71 11.40
CA GLY B 136 3.76 3.56 11.88
C GLY B 136 3.62 3.61 13.39
N GLY B 137 4.47 4.42 14.04
CA GLY B 137 4.49 4.65 15.48
C GLY B 137 3.14 5.02 16.06
N LEU B 138 2.26 5.69 15.28
CA LEU B 138 0.87 6.02 15.68
C LEU B 138 0.10 4.77 16.14
N ARG B 139 0.45 3.58 15.58
CA ARG B 139 -0.19 2.31 15.93
C ARG B 139 0.10 1.79 17.35
N ASN B 140 0.98 2.48 18.09
CA ASN B 140 1.24 2.17 19.50
C ASN B 140 -0.01 2.56 20.31
N GLU B 141 -0.70 3.64 19.88
CA GLU B 141 -1.82 4.26 20.62
C GLU B 141 -2.99 4.67 19.73
N LEU B 142 -3.51 3.71 18.95
CA LEU B 142 -4.60 4.00 18.01
C LEU B 142 -5.87 4.56 18.60
N GLU B 143 -6.21 4.18 19.84
CA GLU B 143 -7.38 4.70 20.57
C GLU B 143 -7.24 6.18 20.84
N GLU B 144 -6.09 6.61 21.40
CA GLU B 144 -5.79 8.01 21.71
C GLU B 144 -5.64 8.87 20.44
N VAL B 145 -5.02 8.29 19.40
CA VAL B 145 -4.87 8.95 18.10
C VAL B 145 -6.26 9.23 17.50
N SER B 146 -7.15 8.21 17.49
CA SER B 146 -8.53 8.29 16.98
C SER B 146 -9.34 9.35 17.70
N LYS B 147 -9.18 9.43 19.02
CA LYS B 147 -9.86 10.41 19.88
C LYS B 147 -9.41 11.83 19.54
N LEU B 148 -8.08 12.06 19.38
CA LEU B 148 -7.51 13.37 19.02
C LEU B 148 -8.00 13.85 17.65
N LEU B 149 -8.14 12.93 16.69
CA LEU B 149 -8.60 13.26 15.34
C LEU B 149 -10.14 13.21 15.23
N LYS B 150 -10.82 12.86 16.34
CA LYS B 150 -12.28 12.73 16.46
C LYS B 150 -12.85 11.83 15.33
N LEU B 151 -12.20 10.67 15.14
CA LEU B 151 -12.63 9.73 14.11
C LEU B 151 -13.93 9.02 14.46
N PRO B 152 -14.87 8.89 13.50
CA PRO B 152 -16.10 8.15 13.79
C PRO B 152 -15.83 6.63 13.66
N HIS B 153 -16.87 5.83 13.85
CA HIS B 153 -16.81 4.39 13.61
C HIS B 153 -16.36 4.16 12.14
N HIS B 154 -15.67 3.03 11.88
CA HIS B 154 -15.27 2.63 10.53
C HIS B 154 -14.19 3.48 9.89
N VAL B 155 -13.38 4.19 10.72
CA VAL B 155 -12.24 4.98 10.27
C VAL B 155 -11.08 4.60 11.22
N ILE B 156 -9.98 4.09 10.66
CA ILE B 156 -8.80 3.76 11.46
C ILE B 156 -7.53 4.42 10.92
N PRO B 157 -6.71 5.03 11.78
CA PRO B 157 -5.42 5.56 11.30
C PRO B 157 -4.48 4.37 11.05
N LEU B 158 -3.78 4.38 9.95
CA LEU B 158 -2.83 3.28 9.67
C LEU B 158 -1.43 3.77 9.94
N PHE B 159 -1.13 5.02 9.57
CA PHE B 159 0.21 5.59 9.81
C PHE B 159 0.17 7.07 9.51
N GLY B 160 1.18 7.76 10.00
CA GLY B 160 1.35 9.16 9.71
C GLY B 160 2.29 9.29 8.53
N LEU B 161 2.44 10.51 8.05
CA LEU B 161 3.40 10.83 7.01
C LEU B 161 3.92 12.22 7.31
N THR B 162 5.18 12.30 7.74
CA THR B 162 5.85 13.59 7.98
C THR B 162 6.47 14.06 6.67
N VAL B 163 6.34 15.33 6.36
CA VAL B 163 6.96 15.94 5.17
C VAL B 163 7.58 17.28 5.59
N GLY B 164 8.56 17.75 4.84
CA GLY B 164 9.13 19.06 5.08
C GLY B 164 10.47 19.27 4.43
N HIS B 165 10.98 20.51 4.59
CA HIS B 165 12.30 20.87 4.10
C HIS B 165 13.31 20.16 5.00
N PRO B 166 14.16 19.26 4.47
CA PRO B 166 15.13 18.57 5.33
C PRO B 166 16.11 19.51 6.03
N ALA B 167 16.48 19.17 7.27
CA ALA B 167 17.47 19.94 8.05
C ALA B 167 18.78 19.14 8.15
N GLY B 168 18.87 18.13 7.30
CA GLY B 168 20.04 17.26 7.23
C GLY B 168 19.93 16.26 6.11
N ILE B 169 20.92 15.41 6.02
CA ILE B 169 21.00 14.39 5.00
C ILE B 169 21.24 13.04 5.68
N THR B 170 20.88 11.95 5.01
CA THR B 170 21.13 10.58 5.48
C THR B 170 21.41 9.71 4.25
N ASP B 171 21.95 8.52 4.46
CA ASP B 171 22.26 7.61 3.36
C ASP B 171 21.08 6.70 2.98
N LYS B 172 21.18 6.07 1.82
CA LYS B 172 20.21 5.09 1.33
C LYS B 172 20.48 3.79 2.09
N LYS B 173 19.41 3.06 2.45
CA LYS B 173 19.46 1.79 3.19
C LYS B 173 19.45 0.62 2.20
N PRO B 174 20.49 -0.25 2.18
CA PRO B 174 20.51 -1.34 1.19
C PRO B 174 19.34 -2.31 1.32
N ARG B 175 18.72 -2.67 0.17
CA ARG B 175 17.61 -3.60 0.15
C ARG B 175 18.07 -5.01 -0.15
N LEU B 176 17.21 -6.01 0.13
CA LEU B 176 17.50 -7.40 -0.21
C LEU B 176 17.86 -7.51 -1.71
N PRO B 177 18.63 -8.53 -2.14
CA PRO B 177 18.96 -8.64 -3.57
C PRO B 177 17.71 -8.85 -4.43
N PHE B 178 17.72 -8.24 -5.62
CA PHE B 178 16.66 -8.33 -6.63
C PHE B 178 16.26 -9.80 -6.87
N LYS B 179 17.26 -10.69 -7.06
CA LYS B 179 17.06 -12.11 -7.30
C LYS B 179 16.54 -12.92 -6.12
N HIS B 180 16.53 -12.32 -4.92
CA HIS B 180 16.00 -12.93 -3.71
C HIS B 180 14.50 -12.60 -3.59
N VAL B 181 14.14 -11.29 -3.73
CA VAL B 181 12.76 -10.81 -3.64
C VAL B 181 11.91 -11.23 -4.85
N TYR B 182 12.54 -11.22 -6.05
CA TYR B 182 11.89 -11.55 -7.31
C TYR B 182 12.15 -13.00 -7.70
N HIS B 183 11.06 -13.76 -7.92
CA HIS B 183 11.13 -15.20 -8.25
C HIS B 183 10.52 -15.40 -9.64
N GLU B 184 11.13 -16.24 -10.47
CA GLU B 184 10.58 -16.55 -11.79
C GLU B 184 9.69 -17.79 -11.69
N GLU B 185 8.41 -17.64 -12.12
CA GLU B 185 7.38 -18.69 -12.17
C GLU B 185 6.85 -19.17 -10.83
N THR B 186 7.73 -19.58 -9.91
CA THR B 186 7.34 -20.15 -8.62
C THR B 186 8.24 -19.64 -7.51
N TYR B 187 7.74 -19.71 -6.25
CA TYR B 187 8.51 -19.32 -5.10
C TYR B 187 9.73 -20.22 -4.94
N GLU B 188 10.83 -19.66 -4.42
CA GLU B 188 12.06 -20.38 -4.09
C GLU B 188 11.74 -21.73 -3.38
N PRO B 189 12.00 -22.90 -4.00
CA PRO B 189 11.64 -24.17 -3.34
C PRO B 189 12.57 -24.64 -2.22
N ASN B 190 13.79 -24.10 -2.14
CA ASN B 190 14.75 -24.56 -1.13
C ASN B 190 15.07 -23.48 -0.08
N ASP B 191 14.70 -23.74 1.18
CA ASP B 191 14.96 -22.87 2.33
C ASP B 191 16.48 -22.70 2.58
N GLU B 192 17.31 -23.71 2.19
CA GLU B 192 18.76 -23.63 2.31
C GLU B 192 19.30 -22.55 1.36
N GLN B 193 18.64 -22.35 0.20
CA GLN B 193 18.97 -21.29 -0.75
C GLN B 193 18.59 -19.91 -0.16
N THR B 194 17.42 -19.81 0.49
CA THR B 194 16.97 -18.58 1.16
C THR B 194 17.98 -18.17 2.27
N LYS B 195 18.45 -19.15 3.09
CA LYS B 195 19.43 -18.94 4.16
C LYS B 195 20.74 -18.41 3.60
N LYS B 196 21.16 -18.97 2.47
CA LYS B 196 22.39 -18.60 1.76
C LYS B 196 22.30 -17.12 1.29
N GLU B 197 21.15 -16.72 0.72
CA GLU B 197 20.89 -15.35 0.26
C GLU B 197 20.80 -14.36 1.45
N LEU B 198 20.23 -14.80 2.58
CA LEU B 198 20.13 -13.98 3.80
C LEU B 198 21.50 -13.83 4.46
N THR B 199 22.39 -14.85 4.33
CA THR B 199 23.75 -14.79 4.88
C THR B 199 24.57 -13.73 4.15
N ALA B 200 24.44 -13.68 2.80
CA ALA B 200 25.11 -12.70 1.94
C ALA B 200 24.58 -11.29 2.25
N TYR B 201 23.24 -11.15 2.42
CA TYR B 201 22.61 -9.87 2.77
C TYR B 201 23.09 -9.40 4.14
N ASN B 202 23.22 -10.33 5.12
CA ASN B 202 23.75 -10.03 6.45
C ASN B 202 25.14 -9.42 6.38
N GLU B 203 26.02 -9.94 5.48
CA GLU B 203 27.39 -9.43 5.30
C GLU B 203 27.32 -7.98 4.78
N GLU B 204 26.41 -7.70 3.84
CA GLU B 204 26.21 -6.36 3.29
C GLU B 204 25.70 -5.40 4.37
N ILE B 205 24.67 -5.83 5.14
CA ILE B 205 24.06 -5.01 6.21
C ILE B 205 25.04 -4.73 7.36
N SER B 206 25.77 -5.76 7.77
CA SER B 206 26.78 -5.65 8.83
C SER B 206 27.85 -4.61 8.41
N ALA B 207 28.35 -4.69 7.15
CA ALA B 207 29.35 -3.74 6.62
C ALA B 207 28.76 -2.32 6.52
N TYR B 208 27.50 -2.21 6.11
CA TYR B 208 26.80 -0.93 5.99
C TYR B 208 26.71 -0.24 7.36
N TYR B 209 26.28 -0.95 8.41
CA TYR B 209 26.23 -0.38 9.74
C TYR B 209 27.65 -0.07 10.27
N ASN B 210 28.60 -0.96 9.98
CA ASN B 210 29.99 -0.80 10.43
C ASN B 210 30.63 0.49 9.90
N GLU B 211 30.45 0.74 8.61
CA GLU B 211 30.96 1.93 7.92
C GLU B 211 30.26 3.23 8.36
N ARG B 212 28.94 3.20 8.53
CA ARG B 212 28.17 4.39 8.91
C ARG B 212 28.30 4.85 10.37
N THR B 213 28.60 3.91 11.30
CA THR B 213 28.71 4.18 12.74
C THR B 213 30.16 4.13 13.22
N ASN B 214 31.12 4.07 12.27
CA ASN B 214 32.56 3.95 12.53
C ASN B 214 32.88 2.77 13.51
N GLY B 215 32.21 1.64 13.30
CA GLY B 215 32.44 0.44 14.09
C GLY B 215 31.62 0.29 15.34
N LYS B 216 30.77 1.28 15.67
CA LYS B 216 29.93 1.22 16.87
C LYS B 216 28.89 0.08 16.78
N ARG B 217 28.33 -0.16 15.58
CA ARG B 217 27.33 -1.21 15.34
C ARG B 217 27.65 -1.98 14.08
N GLN B 218 27.41 -3.30 14.10
CA GLN B 218 27.68 -4.21 12.97
C GLN B 218 26.53 -5.22 12.85
N ASP B 219 25.32 -4.82 13.25
CA ASP B 219 24.13 -5.67 13.23
C ASP B 219 23.88 -6.29 11.88
N THR B 220 23.52 -7.58 11.89
CA THR B 220 23.13 -8.30 10.68
C THR B 220 21.65 -7.98 10.52
N TRP B 221 21.09 -8.16 9.31
CA TRP B 221 19.67 -7.91 9.09
C TRP B 221 18.80 -8.97 9.79
N THR B 222 19.18 -10.27 9.68
CA THR B 222 18.45 -11.38 10.35
C THR B 222 18.46 -11.21 11.88
N GLY B 223 19.59 -10.73 12.42
CA GLY B 223 19.76 -10.45 13.84
C GLY B 223 18.81 -9.36 14.31
N GLN B 224 18.73 -8.28 13.52
CA GLN B 224 17.85 -7.13 13.76
C GLN B 224 16.38 -7.53 13.67
N MET B 225 16.01 -8.32 12.64
CA MET B 225 14.66 -8.86 12.45
C MET B 225 14.25 -9.75 13.63
N ALA B 226 15.11 -10.72 14.01
CA ALA B 226 14.79 -11.62 15.12
C ALA B 226 14.62 -10.87 16.43
N GLU B 227 15.46 -9.83 16.69
CA GLU B 227 15.39 -9.00 17.90
C GLU B 227 14.00 -8.36 18.03
N MET B 228 13.55 -7.65 16.97
CA MET B 228 12.24 -7.01 17.01
C MET B 228 11.06 -7.98 17.02
N LEU B 229 11.12 -9.05 16.20
CA LEU B 229 10.03 -10.03 16.08
C LEU B 229 9.87 -10.99 17.26
N SER B 230 10.91 -11.13 18.11
CA SER B 230 10.82 -11.98 19.30
C SER B 230 10.16 -11.21 20.47
N ASN B 231 9.94 -9.89 20.28
CA ASN B 231 9.31 -9.03 21.28
C ASN B 231 7.99 -8.48 20.72
N PRO B 232 6.91 -9.32 20.64
CA PRO B 232 5.65 -8.84 20.04
C PRO B 232 5.00 -7.69 20.81
N LYS B 233 4.57 -6.67 20.06
CA LYS B 233 3.94 -5.48 20.61
C LYS B 233 2.67 -5.20 19.82
N ARG B 234 1.87 -4.22 20.28
CA ARG B 234 0.58 -3.85 19.66
C ARG B 234 -0.36 -5.05 19.59
N MET B 235 -0.36 -5.89 20.64
CA MET B 235 -1.20 -7.09 20.66
C MET B 235 -2.70 -6.78 20.83
N TYR B 236 -3.03 -5.53 21.17
CA TYR B 236 -4.40 -5.00 21.30
C TYR B 236 -5.03 -4.78 19.91
N MET B 237 -4.20 -4.73 18.82
CA MET B 237 -4.63 -4.45 17.44
C MET B 237 -5.86 -5.20 16.93
N LYS B 238 -5.91 -6.55 17.10
CA LYS B 238 -7.06 -7.35 16.64
C LYS B 238 -8.39 -6.76 17.17
N GLU B 239 -8.46 -6.55 18.49
CA GLU B 239 -9.63 -6.02 19.18
C GLU B 239 -9.97 -4.60 18.82
N PHE B 240 -8.95 -3.71 18.69
CA PHE B 240 -9.17 -2.31 18.32
C PHE B 240 -9.79 -2.22 16.90
N VAL B 241 -9.19 -2.92 15.92
CA VAL B 241 -9.65 -2.95 14.54
C VAL B 241 -11.12 -3.45 14.44
N GLU B 242 -11.46 -4.52 15.20
CA GLU B 242 -12.81 -5.10 15.22
C GLU B 242 -13.84 -4.11 15.84
N LYS B 243 -13.45 -3.39 16.92
CA LYS B 243 -14.29 -2.40 17.58
C LYS B 243 -14.60 -1.25 16.60
N GLN B 244 -13.66 -0.96 15.70
CA GLN B 244 -13.84 0.05 14.67
C GLN B 244 -14.66 -0.40 13.46
N GLY B 245 -15.00 -1.68 13.40
CA GLY B 245 -15.86 -2.25 12.35
C GLY B 245 -15.13 -2.97 11.25
N PHE B 246 -13.87 -3.36 11.47
CA PHE B 246 -13.09 -4.03 10.42
C PHE B 246 -12.63 -5.41 10.81
N ASN B 247 -12.30 -6.24 9.79
CA ASN B 247 -11.67 -7.57 9.94
C ASN B 247 -12.38 -8.46 10.99
N LYS B 248 -13.72 -8.43 11.03
CA LYS B 248 -14.51 -9.13 12.07
C LYS B 248 -14.74 -10.59 11.74
#